data_7OED
#
_entry.id   7OED
#
_cell.length_a   64.030
_cell.length_b   64.030
_cell.length_c   225.880
_cell.angle_alpha   90.000
_cell.angle_beta   90.000
_cell.angle_gamma   120.000
#
_symmetry.space_group_name_H-M   'P 32 2 1'
#
loop_
_entity.id
_entity.type
_entity.pdbx_description
1 polymer 'N6-adenosine-methyltransferase catalytic subunit'
2 polymer 'N6-adenosine-methyltransferase non-catalytic subunit'
3 non-polymer 4-[(4,4-dimethylpiperidin-1-yl)methyl]-~{N}-[[(3~{R})-1-[6-(methylamino)pyrimidin-4-yl]-3-oxidanyl-piperidin-3-yl]methyl]-2-oxidanyl-benzamide
4 non-polymer 'ACETATE ION'
5 water water
#
loop_
_entity_poly.entity_id
_entity_poly.type
_entity_poly.pdbx_seq_one_letter_code
_entity_poly.pdbx_strand_id
1 'polypeptide(L)'
;MGHHHHHHSSGRENLYFQGALTQSVGGDSSADRLFPPQWICCDIRYLDVSILGKFAVVMADPPWDIHMELPYGTLTDDEM
RRLNIPVLQDDGFLFLWVTGRAMELGRECLNLWGYERVDEIIWVKTNQLQRIIRTGRTGHWLNHGKEHCLVGVKGNPQGF
NQGLDCDVIVAEVRSTSHKPDEIYGMIERLSPGTRKIELFGRPHNVQPNWITLGNQLDGIHLLDPDVVARFKQRYPDGII
SKPKNL
;
A
2 'polypeptide(L)'
;MLKGTQSLNPHNDYCQHFVDTGHRPQNFIRDVGLADRFEEYPKLRELIRLKDELIAKSNTPPMYLQADIEAFDIRELTPK
FDVILLEPPLEEYYRETGITANEKCWTWDDIMKLEIDEIAAPRSFIFLWCGSGEGLDLGRVCLRKWGYRRCEDICWIKTN
KNNPGKTKTLDPKAVFQRTKEHCLMGIKGTVKRSTDGDFIHANVDIDLIITEEPEIGNIEKPVEIFHIIEHFCLGRRRLH
LFGRDSTIRPGWLTVGPTLTNSNYNAETYASYFSAPNSYLTGCTEEIERL
;
B
#
loop_
_chem_comp.id
_chem_comp.type
_chem_comp.name
_chem_comp.formula
ACT non-polymer 'ACETATE ION' 'C2 H3 O2 -1'
VB5 non-polymer 4-[(4,4-dimethylpiperidin-1-yl)methyl]-~{N}-[[(3~{R})-1-[6-(methylamino)pyrimidin-4-yl]-3-oxidanyl-piperidin-3-yl]methyl]-2-oxidanyl-benzamide 'C26 H38 N6 O3'
#
# COMPACT_ATOMS: atom_id res chain seq x y z
N LEU A 34 27.57 21.03 0.33
CA LEU A 34 27.33 22.00 1.40
C LEU A 34 26.09 21.65 2.23
N PHE A 35 26.39 21.10 3.41
CA PHE A 35 25.52 20.58 4.47
C PHE A 35 24.29 21.45 4.76
N PRO A 36 24.36 22.79 4.77
CA PRO A 36 23.17 23.59 5.17
C PRO A 36 22.09 23.60 4.10
N PRO A 37 20.84 23.94 4.46
CA PRO A 37 19.73 23.82 3.50
C PRO A 37 19.94 24.65 2.25
N GLN A 38 19.48 24.12 1.11
CA GLN A 38 19.52 24.84 -0.16
C GLN A 38 18.19 24.63 -0.87
N TRP A 39 17.81 25.60 -1.72
CA TRP A 39 16.56 25.47 -2.44
C TRP A 39 16.58 26.30 -3.72
N ILE A 40 15.69 25.94 -4.63
CA ILE A 40 15.49 26.65 -5.89
C ILE A 40 14.00 26.79 -6.10
N CYS A 41 13.49 28.02 -6.10
CA CYS A 41 12.14 28.24 -6.58
C CYS A 41 12.13 28.03 -8.09
N CYS A 42 11.29 27.12 -8.58
CA CYS A 42 11.30 26.82 -10.00
C CYS A 42 10.06 26.01 -10.37
N ASP A 43 9.75 26.03 -11.67
CA ASP A 43 8.81 25.08 -12.25
C ASP A 43 9.59 23.81 -12.56
N ILE A 44 9.30 22.73 -11.81
CA ILE A 44 10.12 21.54 -11.95
C ILE A 44 9.99 20.93 -13.33
N ARG A 45 8.91 21.25 -14.05
CA ARG A 45 8.77 20.80 -15.44
C ARG A 45 9.89 21.34 -16.31
N TYR A 46 10.36 22.55 -16.03
CA TYR A 46 11.28 23.24 -16.93
C TYR A 46 12.71 23.35 -16.42
N LEU A 47 12.97 23.19 -15.12
CA LEU A 47 14.33 23.28 -14.63
C LEU A 47 15.21 22.22 -15.29
N ASP A 48 16.40 22.62 -15.69
CA ASP A 48 17.41 21.68 -16.15
C ASP A 48 18.07 21.07 -14.91
N VAL A 49 17.61 19.89 -14.49
CA VAL A 49 18.12 19.28 -13.25
C VAL A 49 19.49 18.65 -13.42
N SER A 50 20.01 18.59 -14.65
CA SER A 50 21.37 18.06 -14.82
C SER A 50 22.42 18.94 -14.14
N ILE A 51 22.11 20.18 -13.79
CA ILE A 51 23.08 21.02 -13.09
C ILE A 51 23.26 20.65 -11.64
N LEU A 52 22.36 19.85 -11.07
CA LEU A 52 22.33 19.59 -9.63
C LEU A 52 23.22 18.44 -9.19
N GLY A 53 23.75 17.65 -10.12
CA GLY A 53 24.59 16.53 -9.76
C GLY A 53 23.79 15.28 -9.44
N LYS A 54 24.43 14.37 -8.70
CA LYS A 54 23.89 13.08 -8.34
C LYS A 54 23.59 13.01 -6.85
N PHE A 55 22.56 12.25 -6.49
CA PHE A 55 22.06 12.23 -5.12
C PHE A 55 21.88 10.81 -4.64
N ALA A 56 22.18 10.60 -3.35
CA ALA A 56 21.95 9.29 -2.75
C ALA A 56 20.45 9.01 -2.57
N VAL A 57 19.65 10.03 -2.30
CA VAL A 57 18.23 9.85 -2.06
C VAL A 57 17.48 10.97 -2.77
N VAL A 58 16.40 10.59 -3.47
CA VAL A 58 15.46 11.52 -4.04
C VAL A 58 14.13 11.31 -3.32
N MET A 59 13.47 12.40 -2.93
CA MET A 59 12.11 12.25 -2.45
C MET A 59 11.23 13.19 -3.25
N ALA A 60 10.03 12.72 -3.61
CA ALA A 60 9.04 13.54 -4.29
C ALA A 60 7.68 13.34 -3.64
N ASP A 61 6.97 14.44 -3.46
CA ASP A 61 5.58 14.44 -3.00
C ASP A 61 4.80 15.18 -4.08
N PRO A 62 4.55 14.52 -5.21
CA PRO A 62 4.10 15.26 -6.39
C PRO A 62 2.67 15.74 -6.24
N PRO A 63 2.30 16.81 -6.92
CA PRO A 63 0.88 17.20 -6.97
C PRO A 63 0.18 16.42 -8.07
N TRP A 64 -0.05 15.13 -7.80
CA TRP A 64 -0.72 14.26 -8.74
C TRP A 64 -2.09 14.83 -9.11
N ASP A 65 -2.50 14.55 -10.34
CA ASP A 65 -3.81 14.96 -10.87
C ASP A 65 -4.82 13.86 -10.56
N ILE A 66 -5.40 13.91 -9.37
CA ILE A 66 -6.29 12.84 -8.93
C ILE A 66 -7.76 13.27 -8.91
N GLU A 69 -9.85 18.06 -7.54
CA GLU A 69 -10.52 19.10 -6.76
C GLU A 69 -9.61 19.45 -5.61
N LEU A 70 -8.49 20.08 -5.93
CA LEU A 70 -7.37 20.28 -5.03
C LEU A 70 -7.04 21.76 -4.90
N PRO A 71 -6.50 22.18 -3.74
CA PRO A 71 -6.19 23.61 -3.56
C PRO A 71 -4.78 23.96 -4.00
N TYR A 72 -4.26 23.24 -4.98
CA TYR A 72 -2.94 23.55 -5.54
C TYR A 72 -2.94 23.12 -7.01
N GLY A 73 -2.05 23.74 -7.77
CA GLY A 73 -1.87 23.35 -9.15
C GLY A 73 -1.17 22.01 -9.25
N THR A 74 -1.51 21.27 -10.30
CA THR A 74 -1.08 19.89 -10.47
C THR A 74 -0.24 19.74 -11.74
N LEU A 75 0.29 18.53 -11.92
CA LEU A 75 0.98 18.13 -13.13
C LEU A 75 0.18 17.01 -13.78
N THR A 76 0.09 17.02 -15.10
CA THR A 76 -0.63 15.96 -15.79
C THR A 76 0.16 14.67 -15.67
N ASP A 77 -0.51 13.55 -15.97
CA ASP A 77 0.19 12.26 -15.93
C ASP A 77 1.41 12.27 -16.83
N ASP A 78 1.27 12.86 -18.03
CA ASP A 78 2.38 12.93 -18.96
C ASP A 78 3.51 13.81 -18.43
N GLU A 79 3.19 14.97 -17.85
CA GLU A 79 4.24 15.81 -17.27
C GLU A 79 5.01 15.04 -16.19
N MET A 80 4.28 14.28 -15.38
CA MET A 80 4.89 13.44 -14.35
C MET A 80 5.81 12.40 -14.99
N ARG A 81 5.34 11.69 -16.01
CA ARG A 81 6.17 10.71 -16.71
C ARG A 81 7.43 11.35 -17.29
N ARG A 82 7.31 12.56 -17.83
CA ARG A 82 8.42 13.17 -18.55
C ARG A 82 9.49 13.79 -17.64
N LEU A 83 9.26 13.83 -16.32
CA LEU A 83 10.25 14.44 -15.42
C LEU A 83 11.59 13.75 -15.56
N ASN A 84 12.66 14.54 -15.67
CA ASN A 84 13.98 13.96 -15.87
C ASN A 84 14.57 13.39 -14.57
N ILE A 85 13.77 12.59 -13.85
CA ILE A 85 14.30 11.86 -12.70
C ILE A 85 15.55 11.05 -13.04
N PRO A 86 15.65 10.38 -14.19
CA PRO A 86 16.81 9.47 -14.40
C PRO A 86 18.17 10.11 -14.24
N VAL A 87 18.34 11.40 -14.51
CA VAL A 87 19.66 12.02 -14.38
C VAL A 87 20.06 12.28 -12.93
N LEU A 88 19.13 12.14 -11.98
CA LEU A 88 19.38 12.58 -10.61
C LEU A 88 20.18 11.58 -9.77
N GLN A 89 20.22 10.28 -10.14
CA GLN A 89 20.96 9.30 -9.35
C GLN A 89 21.61 8.25 -10.26
N ASP A 90 22.69 7.66 -9.77
CA ASP A 90 23.27 6.46 -10.34
C ASP A 90 22.96 5.24 -9.48
N ASP A 91 23.21 5.33 -8.18
CA ASP A 91 22.86 4.27 -7.25
C ASP A 91 22.24 4.92 -6.01
N GLY A 92 20.99 4.60 -5.74
CA GLY A 92 20.37 5.08 -4.52
C GLY A 92 18.88 4.80 -4.53
N PHE A 93 18.17 5.55 -3.69
CA PHE A 93 16.78 5.26 -3.37
C PHE A 93 15.90 6.45 -3.72
N LEU A 94 14.66 6.12 -4.07
CA LEU A 94 13.63 7.10 -4.39
C LEU A 94 12.46 6.88 -3.45
N PHE A 95 11.99 7.94 -2.81
CA PHE A 95 10.81 7.94 -1.96
C PHE A 95 9.71 8.74 -2.66
N LEU A 96 8.57 8.09 -2.96
CA LEU A 96 7.54 8.69 -3.80
C LEU A 96 6.17 8.59 -3.11
N TRP A 97 5.66 9.72 -2.64
CA TRP A 97 4.36 9.72 -1.96
C TRP A 97 3.28 9.55 -3.01
N VAL A 98 2.28 8.71 -2.70
CA VAL A 98 1.21 8.36 -3.62
C VAL A 98 -0.12 8.27 -2.86
N THR A 99 -1.20 8.61 -3.54
CA THR A 99 -2.53 8.45 -2.99
C THR A 99 -3.51 8.19 -4.13
N GLY A 100 -4.62 7.54 -3.80
CA GLY A 100 -5.67 7.29 -4.80
C GLY A 100 -5.11 6.57 -6.01
N ARG A 101 -5.45 7.04 -7.20
CA ARG A 101 -4.95 6.35 -8.37
C ARG A 101 -3.46 6.59 -8.63
N ALA A 102 -2.83 7.51 -7.89
CA ALA A 102 -1.37 7.61 -8.02
C ALA A 102 -0.66 6.43 -7.38
N MET A 103 -1.37 5.62 -6.60
CA MET A 103 -0.78 4.36 -6.16
C MET A 103 -0.35 3.53 -7.36
N GLU A 104 -1.13 3.61 -8.45
CA GLU A 104 -0.80 2.92 -9.68
C GLU A 104 0.05 3.79 -10.60
N LEU A 105 -0.33 5.05 -10.80
CA LEU A 105 0.47 5.91 -11.67
C LEU A 105 1.88 6.11 -11.11
N GLY A 106 1.96 6.25 -9.78
CA GLY A 106 3.28 6.35 -9.15
C GLY A 106 4.14 5.14 -9.41
N ARG A 107 3.55 3.94 -9.41
CA ARG A 107 4.32 2.74 -9.75
C ARG A 107 4.79 2.78 -11.20
N GLU A 108 3.93 3.24 -12.10
CA GLU A 108 4.32 3.38 -13.50
C GLU A 108 5.52 4.32 -13.66
N CYS A 109 5.42 5.52 -13.08
CA CYS A 109 6.52 6.48 -13.13
C CYS A 109 7.79 5.91 -12.56
N LEU A 110 7.67 5.32 -11.36
CA LEU A 110 8.84 4.75 -10.71
C LEU A 110 9.54 3.80 -11.67
N ASN A 111 8.79 2.90 -12.30
CA ASN A 111 9.41 1.94 -13.22
C ASN A 111 9.93 2.64 -14.47
N LEU A 112 9.16 3.57 -15.04
CA LEU A 112 9.61 4.31 -16.22
C LEU A 112 10.93 5.03 -15.95
N TRP A 113 11.07 5.62 -14.77
CA TRP A 113 12.28 6.35 -14.45
C TRP A 113 13.45 5.43 -14.15
N GLY A 114 13.25 4.11 -14.19
CA GLY A 114 14.34 3.18 -13.99
C GLY A 114 14.48 2.62 -12.58
N TYR A 115 13.45 2.69 -11.74
CA TYR A 115 13.50 2.17 -10.39
C TYR A 115 12.70 0.88 -10.28
N GLU A 116 13.11 0.00 -9.36
CA GLU A 116 12.30 -1.12 -8.89
C GLU A 116 11.74 -0.79 -7.52
N ARG A 117 10.44 -1.01 -7.32
CA ARG A 117 9.85 -0.69 -6.02
C ARG A 117 10.20 -1.80 -5.04
N VAL A 118 10.92 -1.47 -3.97
CA VAL A 118 11.41 -2.49 -3.03
C VAL A 118 10.84 -2.33 -1.62
N ASP A 119 10.09 -1.28 -1.33
CA ASP A 119 9.47 -1.14 -0.02
C ASP A 119 8.31 -0.18 -0.17
N GLU A 120 7.49 -0.10 0.88
CA GLU A 120 6.37 0.83 0.85
C GLU A 120 6.09 1.26 2.28
N ILE A 121 6.40 2.50 2.59
CA ILE A 121 6.19 3.04 3.93
C ILE A 121 4.74 3.49 4.06
N ILE A 122 4.14 3.28 5.22
CA ILE A 122 2.87 3.94 5.48
C ILE A 122 2.98 4.80 6.73
N TRP A 123 2.36 5.96 6.67
CA TRP A 123 2.28 6.88 7.79
C TRP A 123 0.88 6.78 8.36
N VAL A 124 0.76 6.23 9.56
CA VAL A 124 -0.52 6.20 10.27
C VAL A 124 -0.73 7.54 10.94
N LYS A 125 -1.81 8.22 10.58
CA LYS A 125 -2.07 9.57 11.05
C LYS A 125 -2.78 9.50 12.40
N THR A 126 -2.22 10.14 13.42
CA THR A 126 -2.82 10.20 14.75
C THR A 126 -3.05 11.65 15.18
N ASN A 127 -3.76 11.81 16.30
CA ASN A 127 -3.84 13.09 17.00
C ASN A 127 -2.78 13.13 18.10
N GLN A 128 -2.89 14.12 19.00
CA GLN A 128 -1.91 14.27 20.07
C GLN A 128 -2.07 13.21 21.17
N LEU A 129 -3.25 12.56 21.24
CA LEU A 129 -3.46 11.44 22.15
C LEU A 129 -3.19 10.09 21.49
N GLN A 130 -2.53 10.08 20.33
CA GLN A 130 -2.08 8.86 19.66
C GLN A 130 -3.25 7.97 19.22
N ARG A 131 -4.33 8.60 18.76
CA ARG A 131 -5.48 7.89 18.22
C ARG A 131 -5.59 8.16 16.73
N ILE A 132 -6.07 7.17 15.97
CA ILE A 132 -6.12 7.27 14.53
C ILE A 132 -7.14 8.33 14.11
N ILE A 133 -6.69 9.29 13.30
CA ILE A 133 -7.57 10.33 12.76
C ILE A 133 -8.58 9.73 11.78
N HIS A 140 -13.28 6.19 -0.17
CA HIS A 140 -14.63 6.02 -0.70
C HIS A 140 -15.38 4.87 -0.01
N TRP A 141 -14.86 3.66 -0.16
CA TRP A 141 -15.45 2.52 0.55
C TRP A 141 -15.03 2.50 2.02
N LEU A 142 -13.86 3.03 2.33
CA LEU A 142 -13.32 3.01 3.68
C LEU A 142 -12.79 4.39 4.02
N ASN A 143 -12.87 4.75 5.30
CA ASN A 143 -12.11 5.90 5.74
C ASN A 143 -10.61 5.60 5.64
N HIS A 144 -9.81 6.65 5.49
CA HIS A 144 -8.39 6.48 5.21
C HIS A 144 -7.58 6.93 6.43
N GLY A 145 -6.87 6.00 7.04
CA GLY A 145 -6.09 6.27 8.22
C GLY A 145 -4.60 6.42 7.98
N LYS A 146 -4.15 6.42 6.72
CA LYS A 146 -2.73 6.35 6.44
C LYS A 146 -2.43 7.03 5.11
N GLU A 147 -1.16 7.35 4.92
CA GLU A 147 -0.63 7.78 3.63
C GLU A 147 0.52 6.87 3.23
N HIS A 148 0.71 6.69 1.93
CA HIS A 148 1.64 5.72 1.38
C HIS A 148 2.84 6.42 0.75
N CYS A 149 4.03 5.85 0.96
CA CYS A 149 5.24 6.33 0.31
C CYS A 149 5.97 5.13 -0.29
N LEU A 150 5.99 5.06 -1.61
CA LEU A 150 6.73 4.01 -2.30
C LEU A 150 8.23 4.22 -2.14
N VAL A 151 8.98 3.14 -2.05
CA VAL A 151 10.43 3.22 -1.96
C VAL A 151 11.00 2.46 -3.15
N GLY A 152 11.69 3.17 -4.04
CA GLY A 152 12.31 2.58 -5.21
C GLY A 152 13.82 2.55 -5.08
N VAL A 153 14.44 1.57 -5.76
CA VAL A 153 15.89 1.48 -5.80
C VAL A 153 16.34 1.54 -7.26
N LYS A 154 17.45 2.23 -7.47
CA LYS A 154 18.12 2.30 -8.76
C LYS A 154 19.57 1.89 -8.56
N GLY A 155 20.09 1.06 -9.47
CA GLY A 155 21.46 0.62 -9.38
C GLY A 155 21.66 -0.34 -8.23
N ASN A 156 22.86 -0.28 -7.64
CA ASN A 156 23.21 -1.11 -6.49
C ASN A 156 23.82 -0.24 -5.39
N PRO A 157 22.98 0.36 -4.55
CA PRO A 157 23.51 1.23 -3.49
C PRO A 157 24.38 0.45 -2.51
N GLN A 158 25.54 1.00 -2.19
CA GLN A 158 26.46 0.39 -1.24
C GLN A 158 26.67 1.33 -0.05
N GLY A 159 26.75 0.74 1.14
CA GLY A 159 27.02 1.49 2.36
C GLY A 159 25.82 2.16 2.99
N PHE A 160 24.62 1.80 2.59
CA PHE A 160 23.41 2.30 3.22
C PHE A 160 23.07 1.42 4.41
N ASN A 161 22.38 1.99 5.39
CA ASN A 161 22.02 1.27 6.62
C ASN A 161 20.60 0.71 6.50
N GLN A 162 20.48 -0.32 5.68
CA GLN A 162 19.17 -0.89 5.44
C GLN A 162 18.71 -1.70 6.64
N GLY A 163 17.43 -1.55 7.00
CA GLY A 163 16.85 -2.34 8.08
C GLY A 163 16.93 -1.73 9.46
N LEU A 164 17.43 -0.49 9.59
CA LEU A 164 17.44 0.19 10.88
C LEU A 164 16.04 0.60 11.32
N ASP A 165 15.26 1.15 10.39
CA ASP A 165 13.90 1.59 10.67
C ASP A 165 12.90 0.59 10.10
N CYS A 166 11.68 0.67 10.61
CA CYS A 166 10.62 -0.18 10.05
C CYS A 166 9.76 0.68 9.11
N ASP A 167 8.86 0.02 8.38
CA ASP A 167 8.12 0.66 7.31
C ASP A 167 6.79 1.26 7.76
N VAL A 168 6.61 1.49 9.06
CA VAL A 168 5.39 2.13 9.55
C VAL A 168 5.77 3.38 10.34
N ILE A 169 5.19 4.53 9.96
CA ILE A 169 5.36 5.78 10.70
C ILE A 169 4.06 6.06 11.46
N VAL A 170 4.19 6.35 12.76
CA VAL A 170 3.08 6.83 13.59
C VAL A 170 3.44 8.25 14.00
N ALA A 171 2.65 9.23 13.55
CA ALA A 171 2.97 10.62 13.81
C ALA A 171 1.72 11.47 13.67
N GLU A 172 1.72 12.59 14.36
CA GLU A 172 0.59 13.50 14.38
C GLU A 172 0.51 14.31 13.09
N VAL A 173 -0.71 14.50 12.60
CA VAL A 173 -0.94 15.44 11.52
C VAL A 173 -0.82 16.85 12.09
N ARG A 174 0.35 17.48 11.87
CA ARG A 174 0.59 18.81 12.41
C ARG A 174 -0.20 19.86 11.62
N SER A 175 0.16 20.05 10.35
CA SER A 175 -0.63 20.86 9.44
C SER A 175 -1.14 19.98 8.31
N THR A 176 -2.35 20.28 7.85
CA THR A 176 -2.88 19.57 6.69
C THR A 176 -1.97 19.81 5.49
N SER A 177 -1.88 18.79 4.63
CA SER A 177 -1.09 18.76 3.41
C SER A 177 0.41 18.57 3.69
N HIS A 178 0.85 18.53 4.96
CA HIS A 178 2.26 18.35 5.26
C HIS A 178 2.59 16.87 5.43
N LYS A 179 3.81 16.50 5.05
CA LYS A 179 4.31 15.17 5.30
C LYS A 179 5.01 15.15 6.66
N PRO A 180 5.09 13.97 7.30
CA PRO A 180 5.65 13.90 8.65
C PRO A 180 7.17 14.00 8.64
N ASP A 181 7.69 14.81 9.56
CA ASP A 181 9.12 15.06 9.59
C ASP A 181 9.93 13.81 9.92
N GLU A 182 9.29 12.78 10.47
CA GLU A 182 9.97 11.51 10.73
C GLU A 182 10.64 10.94 9.48
N ILE A 183 10.12 11.25 8.28
CA ILE A 183 10.67 10.63 7.07
C ILE A 183 12.11 11.11 6.87
N TYR A 184 12.39 12.37 7.19
CA TYR A 184 13.76 12.86 7.01
C TYR A 184 14.74 12.14 7.93
N GLY A 185 14.31 11.86 9.18
CA GLY A 185 15.20 11.13 10.07
C GLY A 185 15.44 9.71 9.62
N MET A 186 14.38 9.02 9.18
CA MET A 186 14.55 7.68 8.61
C MET A 186 15.53 7.70 7.45
N ILE A 187 15.41 8.71 6.57
CA ILE A 187 16.29 8.78 5.41
C ILE A 187 17.72 9.11 5.84
N GLU A 188 17.87 9.95 6.86
CA GLU A 188 19.22 10.28 7.32
C GLU A 188 19.90 9.08 7.97
N ARG A 189 19.16 8.27 8.72
CA ARG A 189 19.80 7.08 9.31
C ARG A 189 20.11 6.06 8.23
N LEU A 190 19.27 6.01 7.19
CA LEU A 190 19.53 5.13 6.06
C LEU A 190 20.82 5.50 5.35
N SER A 191 21.05 6.81 5.18
CA SER A 191 22.12 7.31 4.32
C SER A 191 22.72 8.57 4.95
N PRO A 192 23.50 8.41 6.02
CA PRO A 192 23.96 9.59 6.77
C PRO A 192 24.97 10.42 5.99
N GLY A 193 24.77 11.75 5.99
CA GLY A 193 25.73 12.68 5.43
C GLY A 193 25.72 12.85 3.92
N THR A 194 24.94 12.07 3.18
CA THR A 194 24.95 12.12 1.73
C THR A 194 24.06 13.24 1.21
N ARG A 195 24.23 13.61 -0.07
CA ARG A 195 23.39 14.61 -0.70
C ARG A 195 22.02 14.05 -1.05
N LYS A 196 20.98 14.84 -0.80
CA LYS A 196 19.60 14.46 -1.03
C LYS A 196 18.89 15.59 -1.75
N ILE A 197 17.84 15.24 -2.49
CA ILE A 197 17.07 16.25 -3.21
C ILE A 197 15.58 15.94 -3.05
N GLU A 198 14.79 16.98 -2.78
CA GLU A 198 13.34 16.88 -2.66
C GLU A 198 12.67 17.69 -3.77
N LEU A 199 11.78 17.02 -4.51
CA LEU A 199 10.96 17.66 -5.54
C LEU A 199 9.56 17.95 -5.01
N PHE A 200 9.05 19.14 -5.37
CA PHE A 200 7.73 19.62 -4.97
C PHE A 200 7.63 19.88 -3.47
N GLY A 201 8.76 20.21 -2.84
CA GLY A 201 8.74 20.63 -1.46
C GLY A 201 8.32 22.09 -1.30
N ARG A 202 8.09 22.49 -0.04
CA ARG A 202 7.71 23.83 0.36
C ARG A 202 8.73 24.36 1.36
N PRO A 203 8.68 25.65 1.75
CA PRO A 203 9.73 26.18 2.64
C PRO A 203 9.90 25.40 3.93
N HIS A 204 8.83 24.87 4.53
CA HIS A 204 9.00 24.12 5.77
C HIS A 204 9.75 22.81 5.57
N ASN A 205 10.02 22.43 4.32
CA ASN A 205 10.70 21.17 4.03
C ASN A 205 12.21 21.29 3.94
N VAL A 206 12.76 22.50 3.90
CA VAL A 206 14.20 22.64 3.69
C VAL A 206 14.93 22.08 4.90
N GLN A 207 16.05 21.41 4.66
CA GLN A 207 16.70 20.52 5.61
C GLN A 207 18.18 20.52 5.28
N PRO A 208 19.06 20.38 6.27
CA PRO A 208 20.47 20.20 5.96
C PRO A 208 20.64 18.92 5.14
N ASN A 209 21.65 18.95 4.27
CA ASN A 209 21.99 17.89 3.32
C ASN A 209 20.99 17.79 2.18
N TRP A 210 19.91 18.58 2.17
CA TRP A 210 18.90 18.52 1.12
C TRP A 210 18.93 19.78 0.25
N ILE A 211 18.72 19.59 -1.05
CA ILE A 211 18.30 20.66 -1.96
C ILE A 211 16.81 20.49 -2.23
N THR A 212 16.03 21.55 -2.05
CA THR A 212 14.58 21.49 -2.17
C THR A 212 14.14 22.26 -3.41
N LEU A 213 13.34 21.63 -4.26
CA LEU A 213 12.77 22.29 -5.43
C LEU A 213 11.25 22.37 -5.30
N GLY A 214 10.72 23.51 -5.73
CA GLY A 214 9.28 23.73 -5.74
C GLY A 214 9.02 25.17 -6.15
N ASN A 215 7.79 25.41 -6.59
CA ASN A 215 7.46 26.73 -7.15
C ASN A 215 6.87 27.70 -6.12
N GLN A 216 6.90 27.35 -4.83
CA GLN A 216 6.51 28.27 -3.76
C GLN A 216 7.66 28.55 -2.80
N LEU A 217 8.89 28.19 -3.18
CA LEU A 217 10.03 28.53 -2.37
C LEU A 217 10.42 29.99 -2.63
N ASP A 218 11.19 30.54 -1.70
CA ASP A 218 11.52 31.97 -1.75
C ASP A 218 12.87 32.09 -2.45
N GLY A 219 12.81 32.34 -3.76
CA GLY A 219 14.01 32.58 -4.53
C GLY A 219 14.91 31.35 -4.68
N ILE A 220 16.20 31.62 -4.84
CA ILE A 220 17.22 30.60 -5.04
C ILE A 220 18.28 30.79 -3.97
N HIS A 221 18.65 29.69 -3.29
CA HIS A 221 19.61 29.72 -2.18
C HIS A 221 20.52 28.50 -2.35
N LEU A 222 21.68 28.71 -2.97
CA LEU A 222 22.60 27.63 -3.30
C LEU A 222 23.97 27.94 -2.70
N LEU A 223 24.57 26.93 -2.06
CA LEU A 223 25.85 27.08 -1.37
C LEU A 223 26.90 26.09 -1.85
N ASP A 224 26.49 24.92 -2.31
CA ASP A 224 27.41 23.96 -2.93
C ASP A 224 28.10 24.63 -4.11
N PRO A 225 29.43 24.78 -4.08
CA PRO A 225 30.12 25.48 -5.18
C PRO A 225 29.98 24.77 -6.53
N ASP A 226 29.98 23.43 -6.56
CA ASP A 226 29.74 22.72 -7.81
C ASP A 226 28.39 23.11 -8.41
N VAL A 227 27.36 23.17 -7.57
CA VAL A 227 26.02 23.50 -8.07
C VAL A 227 25.94 24.96 -8.48
N VAL A 228 26.52 25.86 -7.67
CA VAL A 228 26.54 27.28 -8.00
C VAL A 228 27.20 27.51 -9.35
N ALA A 229 28.36 26.88 -9.56
CA ALA A 229 29.07 27.03 -10.82
C ALA A 229 28.21 26.61 -12.01
N ARG A 230 27.62 25.41 -11.93
CA ARG A 230 26.81 24.93 -13.04
C ARG A 230 25.53 25.74 -13.20
N PHE A 231 24.98 26.27 -12.11
CA PHE A 231 23.79 27.11 -12.23
C PHE A 231 24.10 28.40 -12.97
N LYS A 232 25.18 29.07 -12.58
CA LYS A 232 25.58 30.31 -13.28
C LYS A 232 25.83 30.05 -14.78
N GLN A 233 26.56 28.98 -15.10
CA GLN A 233 26.75 28.57 -16.49
C GLN A 233 25.43 28.42 -17.23
N ARG A 234 24.52 27.58 -16.70
CA ARG A 234 23.29 27.28 -17.40
C ARG A 234 22.30 28.45 -17.36
N TYR A 235 22.31 29.23 -16.29
CA TYR A 235 21.33 30.30 -16.08
C TYR A 235 22.06 31.60 -15.78
N PRO A 236 22.80 32.14 -16.75
CA PRO A 236 23.63 33.35 -16.47
C PRO A 236 22.82 34.56 -16.04
N ASP A 237 21.59 34.70 -16.52
CA ASP A 237 20.72 35.79 -16.10
C ASP A 237 19.77 35.40 -14.96
N GLY A 238 19.89 34.17 -14.43
CA GLY A 238 19.16 33.77 -13.25
C GLY A 238 17.72 33.38 -13.45
N ILE A 239 17.27 33.20 -14.70
CA ILE A 239 15.87 32.94 -15.00
C ILE A 239 15.75 31.53 -15.57
N ILE A 240 14.68 30.85 -15.17
CA ILE A 240 14.47 29.43 -15.50
C ILE A 240 13.18 29.35 -16.31
N SER A 241 13.30 29.35 -17.64
CA SER A 241 12.16 29.37 -18.53
C SER A 241 12.22 28.21 -19.51
N LYS A 242 11.09 27.99 -20.18
CA LYS A 242 10.96 27.00 -21.26
C LYS A 242 11.33 25.59 -20.83
N ASN B 12 7.39 13.81 20.01
CA ASN B 12 8.05 12.52 20.15
C ASN B 12 8.19 11.81 18.79
N ASP B 13 9.37 11.24 18.54
CA ASP B 13 9.70 10.56 17.29
C ASP B 13 9.71 9.05 17.56
N TYR B 14 8.64 8.36 17.15
CA TYR B 14 8.56 6.92 17.37
C TYR B 14 9.45 6.11 16.44
N CYS B 15 9.84 6.68 15.29
CA CYS B 15 10.83 6.00 14.44
C CYS B 15 12.18 5.94 15.13
N GLN B 16 12.67 7.09 15.63
CA GLN B 16 13.86 7.11 16.47
C GLN B 16 13.71 6.16 17.65
N HIS B 17 12.54 6.17 18.30
CA HIS B 17 12.30 5.29 19.44
C HIS B 17 12.43 3.82 19.05
N PHE B 18 11.91 3.44 17.87
CA PHE B 18 12.04 2.04 17.45
C PHE B 18 13.50 1.68 17.25
N VAL B 19 14.29 2.61 16.72
CA VAL B 19 15.71 2.35 16.50
C VAL B 19 16.41 2.16 17.84
N ASP B 20 15.95 2.88 18.87
CA ASP B 20 16.61 2.84 20.18
C ASP B 20 16.22 1.59 20.97
N THR B 21 14.97 1.15 20.85
CA THR B 21 14.39 0.18 21.77
C THR B 21 13.87 -1.09 21.10
N GLY B 22 13.60 -1.09 19.80
CA GLY B 22 12.96 -2.24 19.18
C GLY B 22 11.45 -2.26 19.27
N HIS B 23 10.83 -1.28 19.93
CA HIS B 23 9.39 -1.15 19.94
C HIS B 23 8.90 -0.46 18.68
N ARG B 24 8.14 -1.18 17.86
CA ARG B 24 7.62 -0.62 16.61
C ARG B 24 6.71 0.58 16.90
N PRO B 25 6.74 1.61 16.05
CA PRO B 25 5.88 2.78 16.27
C PRO B 25 4.42 2.44 16.48
N GLN B 26 3.91 1.36 15.86
CA GLN B 26 2.50 1.01 15.98
C GLN B 26 2.16 0.48 17.37
N ASN B 27 3.16 0.08 18.16
CA ASN B 27 2.89 -0.32 19.55
C ASN B 27 2.27 0.79 20.37
N PHE B 28 2.39 2.06 19.94
CA PHE B 28 1.94 3.20 20.73
C PHE B 28 0.67 3.85 20.19
N ILE B 29 0.05 3.28 19.15
CA ILE B 29 -1.30 3.69 18.82
C ILE B 29 -2.23 3.26 19.96
N ARG B 30 -3.14 4.14 20.34
CA ARG B 30 -4.08 3.81 21.42
C ARG B 30 -5.46 3.39 20.90
N GLU B 46 -23.03 5.84 18.41
CA GLU B 46 -23.45 4.84 17.44
C GLU B 46 -23.02 3.47 18.00
N LEU B 47 -23.62 2.40 17.48
CA LEU B 47 -23.38 1.03 17.94
C LEU B 47 -22.92 0.09 16.84
N ILE B 48 -23.61 0.08 15.70
CA ILE B 48 -23.23 -0.74 14.53
C ILE B 48 -23.17 -2.21 14.93
N ARG B 49 -24.19 -2.66 15.66
CA ARG B 49 -24.23 -4.04 16.13
C ARG B 49 -25.50 -4.72 15.63
N LEU B 50 -26.56 -3.94 15.43
CA LEU B 50 -27.76 -4.47 14.76
C LEU B 50 -27.47 -4.79 13.30
N LYS B 51 -26.61 -4.01 12.65
CA LYS B 51 -26.10 -4.38 11.34
C LYS B 51 -25.41 -5.74 11.37
N ASP B 52 -24.55 -5.95 12.38
CA ASP B 52 -23.91 -7.25 12.56
C ASP B 52 -24.94 -8.36 12.76
N GLU B 53 -26.07 -8.05 13.41
CA GLU B 53 -27.10 -9.07 13.61
C GLU B 53 -27.86 -9.36 12.32
N LEU B 54 -28.13 -8.33 11.52
CA LEU B 54 -28.72 -8.54 10.20
C LEU B 54 -27.82 -9.43 9.35
N ILE B 55 -26.51 -9.12 9.31
CA ILE B 55 -25.54 -9.96 8.61
C ILE B 55 -25.65 -11.40 9.10
N ALA B 56 -25.68 -11.58 10.42
CA ALA B 56 -25.74 -12.93 10.98
C ALA B 56 -27.02 -13.65 10.59
N LYS B 57 -28.14 -12.94 10.53
CA LYS B 57 -29.40 -13.58 10.14
C LYS B 57 -29.39 -13.92 8.65
N SER B 58 -28.83 -13.04 7.82
CA SER B 58 -28.86 -13.28 6.39
C SER B 58 -27.85 -14.33 5.94
N ASN B 59 -26.85 -14.65 6.78
CA ASN B 59 -25.76 -15.52 6.39
C ASN B 59 -26.27 -16.90 5.96
N THR B 60 -25.78 -17.37 4.81
CA THR B 60 -25.99 -18.76 4.43
C THR B 60 -25.25 -19.68 5.40
N PRO B 61 -25.62 -20.95 5.46
CA PRO B 61 -24.84 -21.91 6.22
C PRO B 61 -23.41 -21.93 5.72
N PRO B 62 -22.44 -22.19 6.58
CA PRO B 62 -21.07 -22.32 6.08
C PRO B 62 -20.97 -23.49 5.11
N MET B 63 -20.25 -23.28 4.02
CA MET B 63 -20.03 -24.34 3.06
C MET B 63 -18.55 -24.37 2.70
N TYR B 64 -18.05 -25.56 2.38
CA TYR B 64 -16.61 -25.69 2.30
C TYR B 64 -16.28 -26.90 1.45
N LEU B 65 -15.10 -26.86 0.81
CA LEU B 65 -14.72 -27.90 -0.14
C LEU B 65 -13.21 -28.03 -0.14
N GLN B 66 -12.73 -29.23 0.14
CA GLN B 66 -11.33 -29.56 -0.05
C GLN B 66 -11.06 -29.65 -1.55
N ALA B 67 -10.09 -28.88 -2.03
CA ALA B 67 -9.78 -28.92 -3.45
C ALA B 67 -8.35 -28.43 -3.60
N ASP B 68 -7.59 -29.13 -4.43
CA ASP B 68 -6.25 -28.71 -4.78
C ASP B 68 -6.40 -27.71 -5.93
N ILE B 69 -6.30 -26.42 -5.58
CA ILE B 69 -6.64 -25.34 -6.51
C ILE B 69 -5.75 -25.30 -7.76
N GLU B 70 -4.51 -25.80 -7.69
CA GLU B 70 -3.70 -25.81 -8.91
C GLU B 70 -4.21 -26.81 -9.95
N ALA B 71 -4.87 -27.89 -9.50
CA ALA B 71 -5.37 -28.93 -10.38
C ALA B 71 -6.88 -28.88 -10.57
N PHE B 72 -7.56 -28.01 -9.86
CA PHE B 72 -9.01 -27.99 -9.80
C PHE B 72 -9.52 -26.93 -10.78
N ASP B 73 -10.58 -27.29 -11.52
CA ASP B 73 -11.18 -26.35 -12.47
C ASP B 73 -12.14 -25.45 -11.70
N ILE B 74 -11.74 -24.19 -11.50
CA ILE B 74 -12.53 -23.30 -10.65
C ILE B 74 -13.91 -23.07 -11.22
N ARG B 75 -14.10 -23.32 -12.51
CA ARG B 75 -15.43 -23.16 -13.11
C ARG B 75 -16.47 -24.06 -12.47
N GLU B 76 -16.05 -25.17 -11.84
CA GLU B 76 -16.99 -26.00 -11.09
C GLU B 76 -17.57 -25.29 -9.88
N LEU B 77 -16.96 -24.18 -9.46
CA LEU B 77 -17.48 -23.38 -8.36
C LEU B 77 -18.52 -22.43 -8.93
N THR B 78 -19.78 -22.70 -8.63
CA THR B 78 -20.89 -21.87 -9.08
C THR B 78 -21.82 -21.63 -7.90
N PRO B 79 -22.62 -20.55 -7.94
CA PRO B 79 -22.69 -19.58 -9.05
C PRO B 79 -21.57 -18.55 -8.95
N LYS B 80 -21.62 -17.54 -9.82
CA LYS B 80 -20.61 -16.50 -9.81
C LYS B 80 -20.72 -15.70 -8.52
N PHE B 81 -19.56 -15.26 -8.00
CA PHE B 81 -19.51 -14.73 -6.65
C PHE B 81 -19.57 -13.22 -6.62
N ASP B 82 -20.21 -12.71 -5.56
CA ASP B 82 -20.24 -11.29 -5.28
C ASP B 82 -18.95 -10.80 -4.64
N VAL B 83 -18.34 -11.63 -3.79
CA VAL B 83 -17.08 -11.29 -3.13
C VAL B 83 -16.17 -12.49 -3.21
N ILE B 84 -14.90 -12.26 -3.51
CA ILE B 84 -13.87 -13.29 -3.46
C ILE B 84 -12.77 -12.80 -2.54
N LEU B 85 -12.44 -13.63 -1.55
CA LEU B 85 -11.30 -13.41 -0.67
C LEU B 85 -10.23 -14.44 -1.04
N LEU B 86 -9.07 -13.95 -1.46
CA LEU B 86 -8.05 -14.78 -2.08
C LEU B 86 -6.80 -14.67 -1.24
N GLU B 87 -6.35 -15.81 -0.70
CA GLU B 87 -5.33 -15.83 0.35
C GLU B 87 -4.25 -16.85 0.00
N PRO B 88 -3.61 -16.72 -1.17
CA PRO B 88 -2.66 -17.75 -1.62
C PRO B 88 -1.50 -17.85 -0.64
N PRO B 89 -1.01 -19.05 -0.36
CA PRO B 89 0.08 -19.20 0.63
C PRO B 89 1.43 -18.78 0.05
N LEU B 90 1.85 -17.55 0.31
CA LEU B 90 3.10 -17.02 -0.24
C LEU B 90 4.30 -17.54 0.54
N GLU B 91 5.42 -17.74 -0.17
CA GLU B 91 6.64 -18.22 0.46
C GLU B 91 7.09 -17.29 1.58
N GLU B 92 6.95 -15.98 1.40
CA GLU B 92 7.36 -15.05 2.44
C GLU B 92 6.66 -15.31 3.77
N TYR B 93 5.49 -15.94 3.75
CA TYR B 93 4.76 -16.23 4.99
C TYR B 93 5.49 -17.26 5.86
N TYR B 94 6.50 -17.94 5.31
CA TYR B 94 7.19 -19.05 5.97
C TYR B 94 8.67 -18.66 6.07
N ARG B 95 9.12 -18.37 7.29
CA ARG B 95 10.50 -18.04 7.60
C ARG B 95 11.52 -18.98 6.92
N LYS B 104 2.54 -26.50 0.44
CA LYS B 104 2.91 -26.06 -0.91
C LYS B 104 2.76 -24.53 -1.07
N CYS B 105 3.88 -23.85 -1.33
CA CYS B 105 3.85 -22.40 -1.51
C CYS B 105 3.42 -22.03 -2.94
N TRP B 106 2.74 -20.88 -3.06
CA TRP B 106 2.27 -20.35 -4.32
C TRP B 106 3.11 -19.13 -4.71
N THR B 107 3.68 -19.15 -5.91
CA THR B 107 4.35 -17.98 -6.45
C THR B 107 3.33 -17.06 -7.11
N TRP B 108 3.76 -15.83 -7.40
CA TRP B 108 2.88 -14.93 -8.13
C TRP B 108 2.67 -15.41 -9.56
N ASP B 109 3.60 -16.19 -10.11
CA ASP B 109 3.40 -16.87 -11.39
C ASP B 109 2.16 -17.78 -11.34
N ASP B 110 2.10 -18.65 -10.33
CA ASP B 110 0.92 -19.47 -10.09
C ASP B 110 -0.33 -18.62 -9.93
N ILE B 111 -0.28 -17.61 -9.05
CA ILE B 111 -1.49 -16.88 -8.70
C ILE B 111 -2.05 -16.16 -9.91
N MET B 112 -1.16 -15.52 -10.67
CA MET B 112 -1.57 -14.77 -11.86
C MET B 112 -2.29 -15.65 -12.88
N LYS B 113 -2.01 -16.96 -12.87
CA LYS B 113 -2.59 -17.85 -13.86
C LYS B 113 -3.91 -18.45 -13.40
N LEU B 114 -4.38 -18.13 -12.19
CA LEU B 114 -5.74 -18.50 -11.79
C LEU B 114 -6.74 -17.75 -12.64
N GLU B 115 -7.85 -18.41 -12.98
CA GLU B 115 -8.84 -17.79 -13.87
C GLU B 115 -9.99 -17.18 -13.06
N ILE B 116 -9.63 -16.24 -12.18
CA ILE B 116 -10.59 -15.67 -11.24
C ILE B 116 -11.75 -14.99 -11.98
N ASP B 117 -11.48 -14.37 -13.12
CA ASP B 117 -12.53 -13.70 -13.87
C ASP B 117 -13.62 -14.66 -14.32
N GLU B 118 -13.32 -15.95 -14.43
CA GLU B 118 -14.32 -16.93 -14.85
C GLU B 118 -15.36 -17.22 -13.75
N ILE B 119 -15.10 -16.85 -12.50
CA ILE B 119 -16.06 -17.13 -11.42
C ILE B 119 -16.54 -15.88 -10.71
N ALA B 120 -16.08 -14.69 -11.10
CA ALA B 120 -16.53 -13.46 -10.50
C ALA B 120 -17.78 -12.96 -11.22
N ALA B 121 -18.77 -12.49 -10.44
CA ALA B 121 -19.95 -11.92 -11.04
C ALA B 121 -19.61 -10.62 -11.75
N PRO B 122 -20.42 -10.23 -12.76
CA PRO B 122 -20.12 -9.00 -13.53
C PRO B 122 -19.91 -7.79 -12.64
N ARG B 123 -20.72 -7.63 -11.60
CA ARG B 123 -20.44 -6.67 -10.54
C ARG B 123 -20.02 -7.50 -9.34
N SER B 124 -18.79 -7.28 -8.86
CA SER B 124 -18.27 -8.09 -7.77
C SER B 124 -16.99 -7.46 -7.26
N PHE B 125 -16.48 -8.02 -6.17
CA PHE B 125 -15.37 -7.45 -5.42
C PHE B 125 -14.36 -8.54 -5.12
N ILE B 126 -13.11 -8.12 -4.94
CA ILE B 126 -12.05 -9.06 -4.59
C ILE B 126 -11.23 -8.43 -3.49
N PHE B 127 -10.76 -9.27 -2.56
CA PHE B 127 -9.86 -8.89 -1.48
C PHE B 127 -8.68 -9.85 -1.58
N LEU B 128 -7.52 -9.32 -1.98
CA LEU B 128 -6.33 -10.12 -2.28
C LEU B 128 -5.26 -9.79 -1.25
N TRP B 129 -4.93 -10.76 -0.39
CA TRP B 129 -3.77 -10.65 0.49
C TRP B 129 -2.49 -10.72 -0.33
N CYS B 130 -1.70 -9.65 -0.30
CA CYS B 130 -0.53 -9.49 -1.15
C CYS B 130 0.80 -9.55 -0.40
N GLY B 131 0.77 -9.71 0.92
CA GLY B 131 2.05 -9.77 1.63
C GLY B 131 2.65 -8.38 1.80
N SER B 132 3.97 -8.32 1.68
CA SER B 132 4.68 -7.07 1.92
C SER B 132 5.81 -6.83 0.94
N GLY B 133 6.03 -7.72 -0.02
CA GLY B 133 7.10 -7.55 -0.99
C GLY B 133 6.59 -7.37 -2.41
N GLU B 134 7.08 -8.19 -3.33
CA GLU B 134 6.73 -8.04 -4.74
C GLU B 134 5.24 -8.19 -4.99
N GLY B 135 4.50 -8.82 -4.06
CA GLY B 135 3.05 -8.92 -4.20
C GLY B 135 2.32 -7.59 -4.29
N LEU B 136 2.86 -6.53 -3.67
CA LEU B 136 2.18 -5.23 -3.78
C LEU B 136 2.15 -4.75 -5.21
N ASP B 137 3.07 -5.22 -6.04
CA ASP B 137 3.06 -4.93 -7.47
C ASP B 137 2.36 -6.01 -8.27
N LEU B 138 2.78 -7.27 -8.10
CA LEU B 138 2.19 -8.37 -8.85
C LEU B 138 0.72 -8.56 -8.52
N GLY B 139 0.33 -8.30 -7.27
CA GLY B 139 -1.10 -8.35 -6.94
C GLY B 139 -1.92 -7.32 -7.70
N ARG B 140 -1.35 -6.15 -7.97
CA ARG B 140 -2.05 -5.18 -8.80
C ARG B 140 -2.14 -5.63 -10.26
N VAL B 141 -1.08 -6.24 -10.79
CA VAL B 141 -1.16 -6.85 -12.12
C VAL B 141 -2.30 -7.88 -12.16
N CYS B 142 -2.41 -8.72 -11.12
CA CYS B 142 -3.47 -9.72 -11.08
C CYS B 142 -4.84 -9.07 -11.12
N LEU B 143 -5.07 -8.07 -10.27
CA LEU B 143 -6.39 -7.45 -10.23
C LEU B 143 -6.78 -6.95 -11.61
N ARG B 144 -5.85 -6.27 -12.28
CA ARG B 144 -6.15 -5.79 -13.63
C ARG B 144 -6.30 -6.94 -14.61
N LYS B 145 -5.49 -7.99 -14.46
CA LYS B 145 -5.64 -9.14 -15.34
C LYS B 145 -7.05 -9.73 -15.25
N TRP B 146 -7.62 -9.75 -14.05
CA TRP B 146 -8.93 -10.36 -13.82
C TRP B 146 -10.06 -9.37 -14.04
N GLY B 147 -9.77 -8.15 -14.44
CA GLY B 147 -10.81 -7.18 -14.72
C GLY B 147 -11.23 -6.30 -13.56
N TYR B 148 -10.43 -6.21 -12.49
CA TYR B 148 -10.78 -5.31 -11.41
C TYR B 148 -9.93 -4.04 -11.44
N ARG B 149 -10.45 -2.98 -10.83
CA ARG B 149 -9.64 -1.84 -10.42
C ARG B 149 -9.58 -1.75 -8.90
N ARG B 150 -8.43 -1.34 -8.39
CA ARG B 150 -8.25 -1.26 -6.94
C ARG B 150 -8.96 -0.01 -6.42
N CYS B 151 -9.84 -0.19 -5.44
CA CYS B 151 -10.41 0.98 -4.77
C CYS B 151 -9.91 1.19 -3.34
N GLU B 152 -9.32 0.18 -2.70
CA GLU B 152 -8.74 0.39 -1.37
C GLU B 152 -7.49 -0.45 -1.21
N ASP B 153 -6.65 -0.03 -0.26
CA ASP B 153 -5.44 -0.73 0.13
C ASP B 153 -5.52 -0.85 1.64
N ILE B 154 -5.83 -2.06 2.13
CA ILE B 154 -6.08 -2.30 3.54
C ILE B 154 -4.81 -2.86 4.15
N CYS B 155 -4.27 -2.17 5.15
N CYS B 155 -4.23 -2.14 5.13
CA CYS B 155 -2.99 -2.52 5.72
CA CYS B 155 -2.97 -2.53 5.73
C CYS B 155 -3.17 -3.17 7.09
C CYS B 155 -3.18 -3.18 7.08
N TRP B 156 -2.67 -4.40 7.22
CA TRP B 156 -2.59 -5.10 8.50
C TRP B 156 -1.25 -4.72 9.14
N ILE B 157 -1.31 -3.85 10.12
CA ILE B 157 -0.13 -3.38 10.84
C ILE B 157 0.10 -4.27 12.06
N LYS B 158 1.31 -4.81 12.19
CA LYS B 158 1.62 -5.81 13.22
C LYS B 158 2.44 -5.19 14.34
N THR B 159 1.90 -5.20 15.56
CA THR B 159 2.64 -4.71 16.71
C THR B 159 3.59 -5.79 17.25
N ASN B 160 4.59 -5.36 18.01
CA ASN B 160 5.48 -6.30 18.67
C ASN B 160 5.58 -5.97 20.16
N LYS B 161 4.44 -5.64 20.78
CA LYS B 161 4.42 -5.29 22.21
C LYS B 161 5.01 -6.39 23.07
N ASN B 162 4.89 -7.65 22.64
CA ASN B 162 5.30 -8.78 23.44
C ASN B 162 6.70 -9.28 23.12
N ASN B 163 7.32 -8.82 22.03
CA ASN B 163 8.70 -9.21 21.78
C ASN B 163 9.51 -8.10 21.12
N PRO B 164 9.69 -6.94 21.80
CA PRO B 164 10.52 -5.83 21.31
C PRO B 164 11.86 -6.25 20.72
N THR B 169 14.66 -10.70 10.01
CA THR B 169 14.50 -11.40 8.74
C THR B 169 15.28 -10.72 7.62
N LEU B 170 14.63 -9.75 6.97
CA LEU B 170 15.21 -8.90 5.94
C LEU B 170 15.36 -9.62 4.60
N ASP B 171 14.35 -9.47 3.75
CA ASP B 171 14.49 -9.78 2.34
C ASP B 171 15.65 -8.96 1.75
N PRO B 172 16.47 -9.54 0.89
CA PRO B 172 17.67 -8.82 0.42
C PRO B 172 17.38 -7.45 -0.19
N LYS B 173 16.25 -7.28 -0.87
CA LYS B 173 15.92 -5.98 -1.45
C LYS B 173 15.34 -5.01 -0.44
N ALA B 174 14.94 -5.49 0.74
CA ALA B 174 14.29 -4.62 1.72
C ALA B 174 15.22 -3.47 2.11
N VAL B 175 14.63 -2.29 2.26
CA VAL B 175 15.31 -1.10 2.77
C VAL B 175 14.97 -0.95 4.24
N PHE B 176 13.76 -1.39 4.61
CA PHE B 176 13.24 -1.22 5.96
C PHE B 176 12.76 -2.57 6.50
N GLN B 177 12.65 -2.65 7.81
CA GLN B 177 11.99 -3.78 8.43
C GLN B 177 10.52 -3.76 8.05
N ARG B 178 10.02 -4.89 7.57
CA ARG B 178 8.66 -4.99 7.08
C ARG B 178 7.75 -5.47 8.20
N THR B 179 6.83 -4.62 8.63
CA THR B 179 6.01 -4.90 9.81
C THR B 179 4.52 -4.85 9.48
N LYS B 180 4.15 -5.09 8.23
CA LYS B 180 2.74 -5.02 7.84
C LYS B 180 2.52 -5.91 6.62
N GLU B 181 1.26 -6.17 6.33
CA GLU B 181 0.82 -6.88 5.14
C GLU B 181 -0.31 -6.09 4.51
N HIS B 182 -0.45 -6.19 3.19
CA HIS B 182 -1.49 -5.47 2.46
C HIS B 182 -2.52 -6.43 1.89
N CYS B 183 -3.80 -6.03 2.02
CA CYS B 183 -4.93 -6.70 1.39
C CYS B 183 -5.57 -5.69 0.45
N LEU B 184 -5.44 -5.94 -0.86
CA LEU B 184 -5.98 -5.03 -1.87
C LEU B 184 -7.43 -5.34 -2.19
N MET B 185 -8.26 -4.30 -2.21
CA MET B 185 -9.68 -4.38 -2.56
C MET B 185 -9.87 -3.97 -4.02
N GLY B 186 -10.41 -4.88 -4.82
CA GLY B 186 -10.70 -4.59 -6.21
C GLY B 186 -12.20 -4.65 -6.46
N ILE B 187 -12.65 -3.84 -7.42
CA ILE B 187 -14.04 -3.80 -7.82
C ILE B 187 -14.12 -4.02 -9.32
N LYS B 188 -15.18 -4.71 -9.77
CA LYS B 188 -15.46 -4.83 -11.19
C LYS B 188 -16.95 -4.58 -11.42
N GLY B 189 -17.24 -3.92 -12.53
CA GLY B 189 -18.58 -3.49 -12.82
C GLY B 189 -18.87 -2.14 -12.18
N THR B 190 -20.16 -1.83 -12.11
CA THR B 190 -20.61 -0.61 -11.44
C THR B 190 -20.99 -0.90 -9.99
N VAL B 204 -18.08 2.96 7.58
CA VAL B 204 -17.82 2.94 9.03
C VAL B 204 -16.37 2.55 9.34
N ASP B 205 -15.81 1.67 8.51
CA ASP B 205 -14.53 1.06 8.81
C ASP B 205 -13.37 1.89 8.25
N ILE B 206 -12.16 1.53 8.71
CA ILE B 206 -10.91 2.21 8.40
C ILE B 206 -10.09 1.21 7.56
N ASP B 207 -9.16 1.73 6.76
CA ASP B 207 -8.34 0.82 5.95
C ASP B 207 -7.13 0.30 6.73
N LEU B 208 -7.28 0.08 8.03
CA LEU B 208 -6.20 -0.43 8.86
C LEU B 208 -6.72 -1.51 9.79
N ILE B 209 -5.87 -2.50 10.05
CA ILE B 209 -6.13 -3.54 11.05
C ILE B 209 -4.86 -3.64 11.87
N ILE B 210 -4.99 -3.50 13.18
CA ILE B 210 -3.83 -3.51 14.06
C ILE B 210 -3.97 -4.67 15.03
N THR B 211 -3.01 -5.60 14.98
CA THR B 211 -2.93 -6.71 15.92
C THR B 211 -1.47 -7.03 16.17
N GLU B 212 -1.24 -7.87 17.16
CA GLU B 212 0.12 -8.27 17.50
C GLU B 212 0.62 -9.28 16.47
N GLU B 213 1.89 -9.19 16.13
CA GLU B 213 2.45 -10.13 15.17
C GLU B 213 2.23 -11.56 15.66
N PRO B 214 1.66 -12.44 14.84
CA PRO B 214 1.46 -13.83 15.27
C PRO B 214 2.78 -14.55 15.50
N GLU B 215 2.70 -15.63 16.27
CA GLU B 215 3.87 -16.49 16.47
C GLU B 215 4.38 -17.01 15.13
N ILE B 216 5.70 -17.19 15.04
CA ILE B 216 6.29 -17.61 13.77
C ILE B 216 5.69 -18.95 13.35
N GLY B 217 5.49 -19.11 12.03
CA GLY B 217 4.81 -20.27 11.48
C GLY B 217 3.30 -20.19 11.46
N ASN B 218 2.70 -19.27 12.22
CA ASN B 218 1.27 -19.01 12.16
C ASN B 218 1.00 -18.07 10.99
N ILE B 219 0.27 -18.55 9.99
CA ILE B 219 0.03 -17.78 8.78
C ILE B 219 -1.37 -17.21 8.72
N GLU B 220 -2.17 -17.35 9.79
CA GLU B 220 -3.53 -16.85 9.77
C GLU B 220 -3.55 -15.33 9.58
N LYS B 221 -4.52 -14.85 8.85
CA LYS B 221 -4.74 -13.42 8.72
C LYS B 221 -5.77 -12.98 9.74
N PRO B 222 -5.75 -11.72 10.17
CA PRO B 222 -6.73 -11.26 11.16
C PRO B 222 -8.17 -11.47 10.70
N VAL B 223 -8.98 -12.05 11.60
CA VAL B 223 -10.39 -12.27 11.30
C VAL B 223 -11.11 -10.95 11.07
N GLU B 224 -10.53 -9.84 11.53
CA GLU B 224 -11.08 -8.51 11.28
C GLU B 224 -11.32 -8.25 9.79
N ILE B 225 -10.54 -8.87 8.91
CA ILE B 225 -10.78 -8.66 7.48
C ILE B 225 -12.19 -9.09 7.09
N PHE B 226 -12.70 -10.18 7.70
CA PHE B 226 -14.05 -10.61 7.40
C PHE B 226 -15.07 -9.57 7.84
N HIS B 227 -14.84 -8.94 9.01
CA HIS B 227 -15.75 -7.92 9.48
C HIS B 227 -15.83 -6.76 8.50
N ILE B 228 -14.68 -6.28 8.02
CA ILE B 228 -14.68 -5.19 7.04
C ILE B 228 -15.45 -5.59 5.79
N ILE B 229 -15.16 -6.77 5.24
CA ILE B 229 -15.85 -7.22 4.03
C ILE B 229 -17.35 -7.30 4.27
N GLU B 230 -17.75 -7.96 5.35
CA GLU B 230 -19.19 -8.19 5.54
C GLU B 230 -19.93 -6.89 5.82
N HIS B 231 -19.26 -5.91 6.45
CA HIS B 231 -19.89 -4.60 6.65
C HIS B 231 -20.10 -3.82 5.35
N PHE B 232 -19.43 -4.18 4.26
CA PHE B 232 -19.70 -3.48 2.99
C PHE B 232 -21.07 -3.85 2.39
N CYS B 233 -21.71 -4.93 2.83
CA CYS B 233 -23.01 -5.36 2.30
C CYS B 233 -22.98 -5.52 0.77
N LEU B 234 -22.08 -6.36 0.29
CA LEU B 234 -21.80 -6.52 -1.12
C LEU B 234 -22.57 -7.66 -1.79
N GLY B 235 -23.39 -8.39 -1.06
CA GLY B 235 -24.01 -9.59 -1.58
C GLY B 235 -23.61 -10.81 -0.78
N ARG B 236 -24.34 -11.89 -1.04
CA ARG B 236 -24.28 -13.05 -0.16
C ARG B 236 -23.47 -14.22 -0.72
N ARG B 237 -23.03 -14.15 -1.99
CA ARG B 237 -22.21 -15.22 -2.57
CA ARG B 237 -22.22 -15.21 -2.58
C ARG B 237 -20.76 -14.87 -2.32
N ARG B 238 -20.19 -15.44 -1.26
CA ARG B 238 -18.86 -15.07 -0.78
C ARG B 238 -17.97 -16.29 -0.79
N LEU B 239 -16.83 -16.17 -1.47
CA LEU B 239 -15.89 -17.27 -1.66
C LEU B 239 -14.56 -16.89 -1.02
N HIS B 240 -13.98 -17.83 -0.28
CA HIS B 240 -12.67 -17.65 0.32
C HIS B 240 -11.77 -18.72 -0.26
N LEU B 241 -10.87 -18.32 -1.16
CA LEU B 241 -9.96 -19.26 -1.78
C LEU B 241 -8.70 -19.35 -0.94
N PHE B 242 -8.24 -20.58 -0.71
CA PHE B 242 -7.14 -20.94 0.18
C PHE B 242 -7.48 -20.73 1.66
N GLY B 243 -8.75 -20.76 2.01
CA GLY B 243 -9.15 -20.86 3.40
C GLY B 243 -8.75 -22.21 3.99
N ARG B 244 -9.00 -22.37 5.29
CA ARG B 244 -8.61 -23.59 6.01
C ARG B 244 -9.77 -24.00 6.93
N ASP B 245 -9.63 -25.16 7.58
CA ASP B 245 -10.65 -25.53 8.57
C ASP B 245 -10.86 -24.40 9.56
N SER B 246 -9.76 -23.74 9.96
CA SER B 246 -9.82 -22.71 10.98
C SER B 246 -10.49 -21.43 10.50
N THR B 247 -10.70 -21.24 9.19
CA THR B 247 -11.30 -19.99 8.73
C THR B 247 -12.76 -20.15 8.30
N ILE B 248 -13.31 -21.36 8.33
CA ILE B 248 -14.69 -21.57 7.90
C ILE B 248 -15.62 -20.72 8.73
N ARG B 249 -16.64 -20.17 8.08
CA ARG B 249 -17.38 -19.07 8.66
C ARG B 249 -18.76 -19.05 8.05
N PRO B 250 -19.81 -18.77 8.81
CA PRO B 250 -21.15 -18.67 8.21
C PRO B 250 -21.16 -17.56 7.17
N GLY B 251 -21.93 -17.78 6.11
CA GLY B 251 -22.02 -16.80 5.05
C GLY B 251 -20.95 -16.92 3.99
N TRP B 252 -20.05 -17.89 4.11
CA TRP B 252 -18.90 -18.03 3.24
C TRP B 252 -18.80 -19.45 2.73
N LEU B 253 -18.43 -19.57 1.45
CA LEU B 253 -17.93 -20.82 0.88
C LEU B 253 -16.41 -20.79 0.91
N THR B 254 -15.81 -21.79 1.56
CA THR B 254 -14.37 -21.88 1.76
C THR B 254 -13.80 -23.01 0.92
N VAL B 255 -12.80 -22.71 0.09
CA VAL B 255 -12.21 -23.72 -0.79
C VAL B 255 -10.70 -23.71 -0.61
N GLY B 256 -10.13 -24.86 -0.32
CA GLY B 256 -8.70 -24.91 -0.11
C GLY B 256 -8.16 -26.33 -0.07
N PRO B 257 -6.85 -26.45 -0.25
CA PRO B 257 -6.24 -27.80 -0.30
C PRO B 257 -6.16 -28.49 1.04
N THR B 258 -6.12 -27.76 2.17
CA THR B 258 -5.88 -28.39 3.45
C THR B 258 -7.16 -28.66 4.24
N LEU B 259 -8.33 -28.36 3.68
CA LEU B 259 -9.56 -28.68 4.38
C LEU B 259 -9.63 -30.18 4.65
N THR B 260 -10.12 -30.56 5.81
CA THR B 260 -10.18 -31.98 6.13
C THR B 260 -11.50 -32.59 5.73
N ASN B 261 -12.53 -31.77 5.52
CA ASN B 261 -13.88 -32.22 5.23
C ASN B 261 -14.48 -31.31 4.18
N SER B 262 -15.50 -31.81 3.47
CA SER B 262 -16.24 -31.01 2.51
C SER B 262 -17.74 -31.20 2.73
N ASN B 263 -18.51 -30.16 2.43
CA ASN B 263 -19.95 -30.29 2.35
C ASN B 263 -20.49 -29.57 1.11
N TYR B 264 -19.63 -29.15 0.19
CA TYR B 264 -20.07 -28.34 -0.94
C TYR B 264 -20.95 -29.16 -1.87
N ASN B 265 -22.12 -28.62 -2.19
CA ASN B 265 -22.96 -29.11 -3.28
C ASN B 265 -23.44 -27.90 -4.08
N ALA B 266 -23.12 -27.90 -5.37
CA ALA B 266 -23.40 -26.73 -6.22
C ALA B 266 -24.89 -26.42 -6.27
N GLU B 267 -25.72 -27.45 -6.36
CA GLU B 267 -27.16 -27.20 -6.42
C GLU B 267 -27.69 -26.72 -5.07
N THR B 268 -27.28 -27.37 -3.98
CA THR B 268 -27.64 -26.88 -2.66
C THR B 268 -27.16 -25.44 -2.46
N TYR B 269 -25.93 -25.15 -2.87
CA TYR B 269 -25.40 -23.80 -2.68
C TYR B 269 -26.20 -22.78 -3.48
N ALA B 270 -26.48 -23.07 -4.76
CA ALA B 270 -27.25 -22.14 -5.57
C ALA B 270 -28.64 -21.93 -5.00
N SER B 271 -29.21 -22.95 -4.35
CA SER B 271 -30.54 -22.83 -3.79
C SER B 271 -30.62 -21.75 -2.71
N TYR B 272 -29.49 -21.41 -2.06
CA TYR B 272 -29.51 -20.33 -1.08
C TYR B 272 -29.82 -18.99 -1.70
N PHE B 273 -29.54 -18.82 -2.99
CA PHE B 273 -29.69 -17.52 -3.65
C PHE B 273 -30.75 -17.52 -4.73
N SER B 274 -31.56 -18.58 -4.82
CA SER B 274 -32.66 -18.56 -5.76
C SER B 274 -33.73 -17.57 -5.28
N ALA B 275 -34.57 -17.12 -6.22
CA ALA B 275 -35.58 -16.12 -5.92
C ALA B 275 -36.43 -16.56 -4.72
N PRO B 276 -36.91 -15.62 -3.89
CA PRO B 276 -36.79 -14.15 -4.00
C PRO B 276 -35.49 -13.55 -3.44
N ASN B 277 -34.43 -14.35 -3.30
CA ASN B 277 -33.24 -13.93 -2.55
C ASN B 277 -32.02 -13.70 -3.42
N SER B 278 -32.21 -13.43 -4.73
CA SER B 278 -31.07 -13.39 -5.64
C SER B 278 -30.21 -12.14 -5.46
N TYR B 279 -30.79 -11.02 -5.02
CA TYR B 279 -30.08 -9.75 -5.02
C TYR B 279 -29.90 -9.15 -3.63
N LEU B 280 -30.12 -9.93 -2.57
CA LEU B 280 -29.96 -9.41 -1.23
C LEU B 280 -28.53 -8.96 -1.00
N THR B 281 -28.37 -7.92 -0.18
CA THR B 281 -27.04 -7.41 0.14
C THR B 281 -26.36 -8.20 1.24
N GLY B 282 -27.10 -9.01 2.00
CA GLY B 282 -26.53 -9.61 3.19
C GLY B 282 -26.59 -8.73 4.43
N CYS B 283 -27.14 -7.52 4.31
CA CYS B 283 -27.40 -6.62 5.44
C CYS B 283 -28.88 -6.30 5.60
N THR B 284 -29.76 -7.07 4.97
CA THR B 284 -31.19 -6.83 5.03
C THR B 284 -31.87 -7.99 5.74
N GLU B 285 -33.13 -7.78 6.12
CA GLU B 285 -33.89 -8.81 6.80
C GLU B 285 -34.20 -9.97 5.86
N GLU B 286 -34.46 -11.13 6.44
CA GLU B 286 -34.90 -12.28 5.65
C GLU B 286 -36.22 -11.95 4.96
N ILE B 287 -36.44 -12.57 3.80
CA ILE B 287 -37.68 -12.39 3.07
C ILE B 287 -38.66 -13.51 3.43
C10 VB5 C . 0.77 19.74 -1.26
C15 VB5 C . 2.55 21.16 -2.32
C17 VB5 C . 4.37 22.66 -3.22
C20 VB5 C . 2.11 23.83 -6.16
C21 VB5 C . 2.64 22.90 -7.27
C22 VB5 C . 4.56 22.22 -5.65
C24 VB5 C . 5.06 22.67 -8.12
C26 VB5 C . 7.28 22.89 -8.79
C28 VB5 C . 5.61 22.82 -10.42
C01 VB5 C . -0.35 13.94 2.61
C02 VB5 C . 1.04 13.81 1.99
C03 VB5 C . 1.97 13.04 2.95
C04 VB5 C . 0.90 13.13 0.64
C05 VB5 C . 0.16 14.05 -0.33
C07 VB5 C . -0.10 15.96 -1.36
C08 VB5 C . 0.59 17.35 -1.63
C09 VB5 C . 0.12 18.52 -1.03
C11 VB5 C . 1.71 17.40 -2.46
C12 VB5 C . 2.35 18.62 -2.70
C14 VB5 C . 1.88 19.79 -2.10
C18 VB5 C . 4.00 23.22 -4.61
C19 VB5 C . 2.48 23.29 -4.78
C30 VB5 C . 3.79 23.12 -12.16
C31 VB5 C . 4.65 22.70 -9.44
C34 VB5 C . 0.73 15.93 0.69
C35 VB5 C . 1.62 15.22 1.78
N06 VB5 C . 0.65 15.27 -0.46
N16 VB5 C . 3.81 21.30 -3.07
N23 VB5 C . 4.06 22.52 -7.02
N25 VB5 C . 6.34 22.77 -7.80
N27 VB5 C . 6.89 22.91 -10.10
N29 VB5 C . 5.19 22.85 -11.83
O13 VB5 C . 3.46 18.64 -3.53
O32 VB5 C . 4.58 24.47 -4.77
O33 VB5 C . 2.05 22.12 -1.85
C ACT D . -5.44 -1.15 -10.62
O ACT D . -6.56 -0.68 -10.32
OXT ACT D . -4.63 -0.73 -11.47
CH3 ACT D . -4.96 -2.43 -9.83
#